data_7WD4
#
_entry.id   7WD4
#
_cell.length_a   112.213
_cell.length_b   112.213
_cell.length_c   76.459
_cell.angle_alpha   90.000
_cell.angle_beta   90.000
_cell.angle_gamma   90.000
#
_symmetry.space_group_name_H-M   'P 41 21 2'
#
loop_
_entity.id
_entity.type
_entity.pdbx_description
1 polymer 'NS3 helicase'
2 non-polymer GLYCEROL
3 non-polymer 1,2-ETHANEDIOL
4 water water
#
_entity_poly.entity_id   1
_entity_poly.type   'polypeptide(L)'
_entity_poly.pdbx_seq_one_letter_code
;GPGSEAFTPDMLKKRRLTILDLHPGAGKTRRVIPQIVRECVKARLRTVILAPTRVVAAEMAEALRGLPIRYQTSAVKAEH
SGNEIVDVMCHATLTQRLLTPAKVPNYNVFVMDEAHFTDPASIAARGYISTKVELGEAAAIFMTATPPGTTDPFPDSNAP
IIDQEAEIPDRAWNSGFEWITEYTGKTVWFVPSVRMGNEIAMCLTKAGKKVIQLNRKSYDSEYQKCKGNDWDFVITTDIS
EMGANFGAHRVIDSRKCVKPVILDGDDRVLMNGPAPITPASAAQRRGRIGRDPTQSGDEYFYGGPTTTDDTGHAHWIEAK
ILLDNIQLQNGLVAQLYGPERDKVFTTDGEYRLRSEQKKNFVEFLRTGDLPVWLSYKVAEAGYAYTDRRWCFDGPANNTI
LEDNNEVEIWTRQGEKRILRPRWSDARVYCDNQALRSFKEFAAGKR
;
_entity_poly.pdbx_strand_id   A
#
# COMPACT_ATOMS: atom_id res chain seq x y z
N GLY A 1 -11.38 -12.67 -9.59
CA GLY A 1 -11.92 -11.32 -9.97
C GLY A 1 -12.52 -11.30 -11.38
N PRO A 2 -13.25 -10.23 -11.72
CA PRO A 2 -13.96 -10.13 -13.02
C PRO A 2 -13.06 -9.70 -14.20
N GLY A 3 -11.76 -9.45 -13.98
CA GLY A 3 -10.80 -9.04 -15.03
C GLY A 3 -10.67 -10.05 -16.16
N SER A 4 -10.01 -9.68 -17.26
CA SER A 4 -9.63 -10.59 -18.37
C SER A 4 -8.88 -11.77 -17.81
N GLU A 5 -9.10 -12.95 -18.40
CA GLU A 5 -8.51 -14.19 -17.87
C GLU A 5 -7.09 -14.34 -18.37
N ALA A 6 -6.75 -13.69 -19.48
CA ALA A 6 -5.47 -13.88 -20.18
C ALA A 6 -5.09 -12.62 -20.96
N PHE A 7 -3.79 -12.40 -21.04
CA PHE A 7 -3.17 -11.35 -21.87
C PHE A 7 -3.49 -11.63 -23.35
N THR A 8 -3.83 -10.57 -24.07
CA THR A 8 -3.90 -10.58 -25.55
C THR A 8 -3.12 -9.38 -26.07
N PRO A 9 -2.43 -9.48 -27.23
CA PRO A 9 -1.70 -8.33 -27.78
C PRO A 9 -2.46 -7.03 -28.04
N ASP A 10 -3.78 -7.15 -28.31
N ASP A 10 -3.77 -7.10 -28.30
CA ASP A 10 -4.72 -6.01 -28.48
CA ASP A 10 -4.57 -5.87 -28.53
C ASP A 10 -4.58 -5.07 -27.27
C ASP A 10 -4.62 -5.04 -27.24
N MET A 11 -4.18 -5.59 -26.11
CA MET A 11 -4.13 -4.82 -24.85
C MET A 11 -3.01 -3.79 -24.92
N LEU A 12 -2.11 -3.94 -25.87
CA LEU A 12 -0.96 -3.01 -26.06
C LEU A 12 -1.35 -1.85 -26.97
N LYS A 13 -2.56 -1.79 -27.51
CA LYS A 13 -2.94 -0.65 -28.40
C LYS A 13 -3.07 0.61 -27.57
N LYS A 14 -2.71 1.77 -28.12
CA LYS A 14 -2.87 3.07 -27.42
C LYS A 14 -4.32 3.25 -27.00
N ARG A 15 -4.52 3.90 -25.85
CA ARG A 15 -5.85 4.23 -25.25
C ARG A 15 -6.52 3.01 -24.58
N ARG A 16 -5.93 1.81 -24.63
CA ARG A 16 -6.49 0.65 -23.92
C ARG A 16 -6.02 0.65 -22.47
N LEU A 17 -6.97 0.46 -21.57
CA LEU A 17 -6.67 0.20 -20.16
C LEU A 17 -7.51 -1.05 -19.84
N THR A 18 -6.82 -2.12 -19.51
CA THR A 18 -7.44 -3.42 -19.29
C THR A 18 -7.13 -3.90 -17.87
N ILE A 19 -8.15 -4.40 -17.18
N ILE A 19 -8.15 -4.41 -17.19
CA ILE A 19 -7.98 -5.16 -15.92
CA ILE A 19 -7.97 -5.15 -15.91
C ILE A 19 -7.67 -6.61 -16.29
C ILE A 19 -7.69 -6.62 -16.26
N LEU A 20 -6.55 -7.14 -15.81
CA LEU A 20 -6.20 -8.56 -15.99
C LEU A 20 -6.35 -9.25 -14.63
N ASP A 21 -7.19 -10.27 -14.55
CA ASP A 21 -7.31 -11.05 -13.30
C ASP A 21 -5.98 -11.74 -12.90
N LEU A 22 -5.70 -11.81 -11.59
CA LEU A 22 -4.52 -12.58 -11.07
C LEU A 22 -5.06 -13.76 -10.27
N HIS A 23 -4.81 -14.99 -10.74
CA HIS A 23 -5.27 -16.24 -10.10
C HIS A 23 -4.06 -17.17 -9.99
N PRO A 24 -3.00 -16.77 -9.24
CA PRO A 24 -1.77 -17.55 -9.13
C PRO A 24 -2.05 -18.97 -8.63
N GLY A 25 -1.35 -19.96 -9.18
CA GLY A 25 -1.40 -21.36 -8.70
C GLY A 25 -0.36 -21.65 -7.63
N ALA A 26 -0.06 -22.93 -7.42
CA ALA A 26 0.93 -23.38 -6.41
C ALA A 26 2.36 -23.12 -6.93
N GLY A 27 2.56 -23.10 -8.26
CA GLY A 27 3.88 -22.90 -8.91
C GLY A 27 4.62 -21.67 -8.38
N LYS A 28 5.95 -21.70 -8.43
CA LYS A 28 6.83 -20.61 -7.90
C LYS A 28 6.77 -19.41 -8.86
N THR A 29 7.09 -19.63 -10.14
CA THR A 29 7.29 -18.59 -11.20
C THR A 29 5.95 -18.24 -11.88
N ARG A 30 5.68 -16.95 -12.14
N ARG A 30 5.64 -16.94 -11.88
CA ARG A 30 4.31 -16.44 -12.46
CA ARG A 30 4.47 -16.33 -12.54
C ARG A 30 3.95 -16.58 -13.95
C ARG A 30 4.86 -16.05 -13.99
N ARG A 31 4.92 -16.74 -14.86
N ARG A 31 4.40 -16.91 -14.91
CA ARG A 31 4.70 -16.96 -16.31
CA ARG A 31 4.73 -16.92 -16.37
C ARG A 31 4.11 -15.73 -17.04
C ARG A 31 4.04 -15.77 -17.13
N VAL A 32 3.00 -15.17 -16.56
CA VAL A 32 2.29 -14.07 -17.28
C VAL A 32 3.23 -12.87 -17.41
N ILE A 33 4.01 -12.54 -16.39
CA ILE A 33 4.92 -11.35 -16.49
C ILE A 33 5.88 -11.54 -17.69
N PRO A 34 6.66 -12.63 -17.79
CA PRO A 34 7.56 -12.77 -18.93
C PRO A 34 6.84 -12.77 -20.28
N GLN A 35 5.62 -13.31 -20.36
CA GLN A 35 4.81 -13.28 -21.61
C GLN A 35 4.53 -11.83 -21.99
N ILE A 36 4.06 -11.03 -21.04
CA ILE A 36 3.74 -9.61 -21.35
C ILE A 36 5.01 -8.89 -21.79
N VAL A 37 6.11 -9.13 -21.09
CA VAL A 37 7.38 -8.42 -21.39
C VAL A 37 7.89 -8.80 -22.79
N ARG A 38 7.82 -10.08 -23.13
CA ARG A 38 8.17 -10.59 -24.49
C ARG A 38 7.31 -9.85 -25.52
N GLU A 39 5.99 -9.74 -25.27
CA GLU A 39 5.08 -9.12 -26.25
C GLU A 39 5.42 -7.63 -26.39
N CYS A 40 5.78 -6.94 -25.30
CA CYS A 40 6.17 -5.50 -25.37
C CYS A 40 7.46 -5.36 -26.17
N VAL A 41 8.43 -6.24 -25.94
CA VAL A 41 9.71 -6.23 -26.69
C VAL A 41 9.39 -6.51 -28.17
N LYS A 42 8.53 -7.47 -28.47
CA LYS A 42 8.17 -7.80 -29.86
C LYS A 42 7.56 -6.57 -30.53
N ALA A 43 6.69 -5.84 -29.84
CA ALA A 43 5.99 -4.64 -30.35
C ALA A 43 6.93 -3.43 -30.36
N ARG A 44 8.13 -3.54 -29.82
CA ARG A 44 9.11 -2.41 -29.68
C ARG A 44 8.52 -1.25 -28.86
N LEU A 45 7.73 -1.54 -27.82
CA LEU A 45 7.08 -0.51 -26.99
C LEU A 45 7.86 -0.30 -25.69
N ARG A 46 8.09 0.95 -25.36
CA ARG A 46 8.81 1.36 -24.14
C ARG A 46 7.89 1.08 -22.96
N THR A 47 8.32 0.24 -22.03
CA THR A 47 7.40 -0.39 -21.09
C THR A 47 7.95 -0.24 -19.67
N VAL A 48 7.06 -0.01 -18.70
CA VAL A 48 7.44 -0.21 -17.27
C VAL A 48 6.51 -1.26 -16.67
N ILE A 49 7.11 -2.19 -15.93
CA ILE A 49 6.42 -3.17 -15.07
C ILE A 49 6.53 -2.69 -13.62
N LEU A 50 5.40 -2.46 -12.97
CA LEU A 50 5.30 -1.80 -11.65
C LEU A 50 4.84 -2.81 -10.59
N ALA A 51 5.77 -3.12 -9.70
CA ALA A 51 5.59 -4.03 -8.56
C ALA A 51 5.13 -3.22 -7.35
N PRO A 52 4.26 -3.82 -6.51
CA PRO A 52 3.79 -3.11 -5.31
C PRO A 52 4.90 -2.87 -4.27
N THR A 53 5.82 -3.85 -4.18
CA THR A 53 6.88 -3.93 -3.16
C THR A 53 8.22 -4.28 -3.80
N ARG A 54 9.29 -3.98 -3.06
CA ARG A 54 10.66 -4.32 -3.52
C ARG A 54 10.76 -5.83 -3.65
N VAL A 55 10.14 -6.59 -2.76
CA VAL A 55 10.26 -8.07 -2.83
C VAL A 55 9.67 -8.50 -4.18
N VAL A 56 8.48 -8.05 -4.51
CA VAL A 56 7.86 -8.49 -5.80
C VAL A 56 8.72 -7.97 -6.97
N ALA A 57 9.27 -6.76 -6.91
CA ALA A 57 10.15 -6.25 -8.00
C ALA A 57 11.34 -7.20 -8.19
N ALA A 58 11.91 -7.69 -7.09
CA ALA A 58 13.05 -8.63 -7.20
C ALA A 58 12.62 -9.98 -7.79
N GLU A 59 11.44 -10.48 -7.43
CA GLU A 59 10.89 -11.74 -7.98
C GLU A 59 10.70 -11.53 -9.49
N MET A 60 10.19 -10.38 -9.89
CA MET A 60 9.97 -10.16 -11.35
C MET A 60 11.33 -10.24 -12.04
N ALA A 61 12.31 -9.55 -11.51
CA ALA A 61 13.64 -9.41 -12.17
C ALA A 61 14.21 -10.81 -12.36
N GLU A 62 14.08 -11.65 -11.35
CA GLU A 62 14.56 -13.05 -11.42
C GLU A 62 13.78 -13.82 -12.49
N ALA A 63 12.45 -13.66 -12.55
CA ALA A 63 11.60 -14.39 -13.52
C ALA A 63 11.95 -13.95 -14.95
N LEU A 64 12.50 -12.74 -15.12
CA LEU A 64 12.71 -12.08 -16.45
C LEU A 64 14.14 -12.25 -16.96
N ARG A 65 14.98 -13.00 -16.24
CA ARG A 65 16.35 -13.34 -16.71
C ARG A 65 16.24 -13.95 -18.11
N GLY A 66 16.98 -13.37 -19.05
CA GLY A 66 16.92 -13.72 -20.48
C GLY A 66 16.24 -12.66 -21.33
N LEU A 67 15.41 -11.79 -20.74
CA LEU A 67 14.80 -10.64 -21.45
C LEU A 67 15.53 -9.37 -21.10
N PRO A 68 15.63 -8.41 -22.05
CA PRO A 68 16.37 -7.18 -21.83
C PRO A 68 15.56 -6.22 -20.94
N ILE A 69 15.85 -6.24 -19.64
CA ILE A 69 15.13 -5.35 -18.68
C ILE A 69 16.13 -4.49 -17.95
N ARG A 70 15.67 -3.35 -17.48
CA ARG A 70 16.44 -2.42 -16.61
C ARG A 70 15.76 -2.44 -15.25
N TYR A 71 16.43 -2.92 -14.22
CA TYR A 71 15.75 -3.13 -12.91
C TYR A 71 16.13 -1.98 -11.97
N GLN A 72 15.18 -1.03 -11.81
CA GLN A 72 15.27 0.15 -10.92
C GLN A 72 14.23 -0.01 -9.79
N GLY A 82 22.23 -0.13 -20.88
CA GLY A 82 22.24 -0.53 -22.31
C GLY A 82 21.10 0.13 -23.08
N ASN A 83 20.50 -0.63 -24.01
CA ASN A 83 19.39 -0.21 -24.90
C ASN A 83 18.06 -0.83 -24.46
N GLU A 84 17.95 -1.28 -23.20
CA GLU A 84 16.73 -2.01 -22.75
C GLU A 84 15.55 -1.06 -22.89
N ILE A 85 14.41 -1.57 -23.34
CA ILE A 85 13.20 -0.72 -23.51
C ILE A 85 12.19 -1.12 -22.44
N VAL A 86 12.53 -2.05 -21.54
CA VAL A 86 11.59 -2.44 -20.46
C VAL A 86 12.24 -2.13 -19.11
N ASP A 87 11.57 -1.35 -18.29
CA ASP A 87 12.01 -1.10 -16.89
C ASP A 87 11.14 -1.88 -15.91
N VAL A 88 11.73 -2.28 -14.77
CA VAL A 88 10.99 -2.86 -13.63
C VAL A 88 11.25 -1.99 -12.41
N MET A 89 10.19 -1.50 -11.76
CA MET A 89 10.36 -0.68 -10.56
C MET A 89 9.11 -0.85 -9.70
N CYS A 90 9.16 -0.30 -8.47
CA CYS A 90 7.99 -0.26 -7.55
C CYS A 90 6.99 0.82 -8.00
N HIS A 91 5.72 0.64 -7.67
CA HIS A 91 4.69 1.71 -7.86
C HIS A 91 5.26 3.04 -7.37
N ALA A 92 5.77 3.06 -6.14
CA ALA A 92 6.16 4.31 -5.44
C ALA A 92 7.40 4.91 -6.11
N THR A 93 8.23 4.11 -6.76
CA THR A 93 9.41 4.66 -7.44
C THR A 93 8.96 5.55 -8.59
N LEU A 94 8.00 5.07 -9.36
CA LEU A 94 7.48 5.86 -10.50
C LEU A 94 6.94 7.19 -9.93
N THR A 95 6.06 7.13 -8.94
CA THR A 95 5.39 8.33 -8.42
C THR A 95 6.46 9.28 -7.91
N GLN A 96 7.45 8.78 -7.15
CA GLN A 96 8.56 9.63 -6.64
C GLN A 96 9.27 10.33 -7.79
N ARG A 97 9.60 9.63 -8.84
CA ARG A 97 10.34 10.22 -9.99
C ARG A 97 9.46 11.22 -10.69
N LEU A 98 8.14 10.96 -10.77
CA LEU A 98 7.19 11.93 -11.42
C LEU A 98 7.12 13.26 -10.64
N LEU A 99 7.43 13.28 -9.35
CA LEU A 99 7.31 14.51 -8.53
C LEU A 99 8.57 15.37 -8.70
N THR A 100 9.69 14.79 -9.08
CA THR A 100 10.98 15.54 -9.15
C THR A 100 11.16 16.11 -10.54
N PRO A 101 12.06 17.09 -10.71
CA PRO A 101 12.34 17.65 -12.03
C PRO A 101 13.02 16.65 -12.98
N ALA A 102 13.59 15.56 -12.46
CA ALA A 102 14.28 14.50 -13.22
C ALA A 102 13.32 13.85 -14.25
N LYS A 103 13.76 13.81 -15.51
CA LYS A 103 13.02 13.20 -16.65
C LYS A 103 12.69 11.73 -16.33
N VAL A 104 11.48 11.33 -16.68
CA VAL A 104 10.97 9.94 -16.60
C VAL A 104 10.78 9.49 -18.05
N PRO A 105 11.09 8.24 -18.43
CA PRO A 105 10.90 7.82 -19.82
C PRO A 105 9.47 7.99 -20.29
N ASN A 106 9.35 8.22 -21.59
CA ASN A 106 8.05 8.31 -22.28
C ASN A 106 7.55 6.86 -22.47
N TYR A 107 7.09 6.22 -21.39
CA TYR A 107 6.60 4.83 -21.52
C TYR A 107 5.37 4.82 -22.44
N ASN A 108 5.31 3.85 -23.34
CA ASN A 108 4.12 3.51 -24.15
C ASN A 108 3.18 2.63 -23.32
N VAL A 109 3.74 1.73 -22.53
CA VAL A 109 2.94 0.66 -21.85
C VAL A 109 3.30 0.70 -20.37
N PHE A 110 2.26 0.70 -19.55
CA PHE A 110 2.41 0.55 -18.08
C PHE A 110 1.68 -0.74 -17.70
N VAL A 111 2.36 -1.60 -16.96
CA VAL A 111 1.80 -2.85 -16.40
C VAL A 111 1.86 -2.74 -14.88
N MET A 112 0.70 -2.61 -14.24
CA MET A 112 0.74 -2.42 -12.78
C MET A 112 0.32 -3.72 -12.13
N ASP A 113 1.26 -4.33 -11.43
CA ASP A 113 0.96 -5.56 -10.65
C ASP A 113 0.29 -5.18 -9.33
N GLU A 114 -0.68 -5.98 -8.91
CA GLU A 114 -1.44 -5.75 -7.64
C GLU A 114 -2.01 -4.32 -7.64
N ALA A 115 -2.78 -4.01 -8.67
CA ALA A 115 -3.24 -2.66 -9.00
C ALA A 115 -4.35 -2.20 -8.05
N HIS A 116 -4.74 -3.02 -7.08
CA HIS A 116 -5.74 -2.62 -6.05
C HIS A 116 -5.10 -1.83 -4.90
N PHE A 117 -3.78 -1.85 -4.80
CA PHE A 117 -3.00 -1.31 -3.66
C PHE A 117 -3.43 0.15 -3.38
N THR A 118 -3.84 0.42 -2.16
CA THR A 118 -4.41 1.74 -1.78
C THR A 118 -3.35 2.65 -1.14
N ASP A 119 -2.06 2.32 -1.27
N ASP A 119 -2.06 2.33 -1.25
CA ASP A 119 -0.96 3.26 -0.94
CA ASP A 119 -1.05 3.31 -0.78
C ASP A 119 -1.21 4.55 -1.72
C ASP A 119 -1.15 4.54 -1.68
N PRO A 120 -1.07 5.76 -1.13
CA PRO A 120 -1.30 6.98 -1.92
C PRO A 120 -0.43 7.05 -3.18
N ALA A 121 0.84 6.61 -3.10
CA ALA A 121 1.69 6.60 -4.29
C ALA A 121 1.11 5.69 -5.40
N SER A 122 0.51 4.56 -5.04
N SER A 122 0.51 4.57 -5.04
CA SER A 122 -0.08 3.58 -5.99
CA SER A 122 -0.06 3.59 -6.00
C SER A 122 -1.31 4.21 -6.67
C SER A 122 -1.31 4.21 -6.67
N ILE A 123 -2.18 4.80 -5.86
CA ILE A 123 -3.41 5.45 -6.38
C ILE A 123 -2.98 6.58 -7.34
N ALA A 124 -1.99 7.39 -6.96
CA ALA A 124 -1.54 8.53 -7.80
C ALA A 124 -0.93 8.01 -9.08
N ALA A 125 -0.15 6.91 -9.00
CA ALA A 125 0.45 6.34 -10.22
C ALA A 125 -0.68 5.86 -11.13
N ARG A 126 -1.73 5.25 -10.61
CA ARG A 126 -2.87 4.85 -11.48
C ARG A 126 -3.47 6.06 -12.19
N GLY A 127 -3.55 7.18 -11.49
CA GLY A 127 -4.06 8.42 -12.09
C GLY A 127 -3.17 8.91 -13.18
N TYR A 128 -1.86 8.99 -12.93
CA TYR A 128 -0.91 9.40 -13.98
C TYR A 128 -1.10 8.49 -15.22
N ILE A 129 -1.12 7.18 -15.00
CA ILE A 129 -1.19 6.19 -16.09
C ILE A 129 -2.49 6.35 -16.85
N SER A 130 -3.59 6.40 -16.10
N SER A 130 -3.60 6.40 -16.14
CA SER A 130 -4.96 6.63 -16.65
CA SER A 130 -4.92 6.56 -16.81
C SER A 130 -4.97 7.88 -17.52
C SER A 130 -4.96 7.89 -17.56
N THR A 131 -4.31 8.95 -17.07
CA THR A 131 -4.27 10.24 -17.81
C THR A 131 -3.50 10.04 -19.12
N LYS A 132 -2.34 9.40 -19.08
CA LYS A 132 -1.54 9.16 -20.30
C LYS A 132 -2.34 8.30 -21.27
N VAL A 133 -3.10 7.33 -20.76
CA VAL A 133 -3.91 6.45 -21.62
C VAL A 133 -4.98 7.32 -22.31
N GLU A 134 -5.66 8.18 -21.54
N GLU A 134 -5.64 8.18 -21.54
CA GLU A 134 -6.77 9.02 -22.06
CA GLU A 134 -6.77 9.01 -22.03
C GLU A 134 -6.25 10.08 -23.05
C GLU A 134 -6.27 10.09 -23.01
N LEU A 135 -4.97 10.42 -22.98
CA LEU A 135 -4.31 11.32 -23.96
C LEU A 135 -3.99 10.59 -25.26
N GLY A 136 -4.04 9.26 -25.29
CA GLY A 136 -3.64 8.44 -26.44
C GLY A 136 -2.14 8.27 -26.52
N GLU A 137 -1.45 8.44 -25.37
CA GLU A 137 0.03 8.34 -25.28
C GLU A 137 0.45 7.08 -24.54
N ALA A 138 -0.48 6.22 -24.16
CA ALA A 138 -0.13 5.01 -23.42
C ALA A 138 -1.22 3.96 -23.56
N ALA A 139 -0.86 2.73 -23.22
CA ALA A 139 -1.72 1.58 -22.94
C ALA A 139 -1.38 1.09 -21.54
N ALA A 140 -2.35 0.57 -20.81
CA ALA A 140 -2.09 0.09 -19.44
C ALA A 140 -2.79 -1.23 -19.17
N ILE A 141 -2.11 -2.04 -18.40
CA ILE A 141 -2.70 -3.30 -17.91
C ILE A 141 -2.63 -3.21 -16.40
N PHE A 142 -3.77 -3.26 -15.76
CA PHE A 142 -3.83 -3.28 -14.26
C PHE A 142 -4.16 -4.71 -13.84
N MET A 143 -3.21 -5.34 -13.18
CA MET A 143 -3.33 -6.75 -12.82
C MET A 143 -3.86 -6.76 -11.38
N THR A 144 -5.04 -7.29 -11.19
CA THR A 144 -5.61 -7.45 -9.83
C THR A 144 -6.81 -8.39 -9.87
N ALA A 145 -6.94 -9.19 -8.82
CA ALA A 145 -8.14 -10.02 -8.58
C ALA A 145 -9.29 -9.17 -7.98
N THR A 146 -9.02 -7.94 -7.55
CA THR A 146 -10.01 -7.12 -6.82
C THR A 146 -9.93 -5.69 -7.35
N PRO A 147 -10.41 -5.43 -8.58
CA PRO A 147 -10.45 -4.04 -9.09
C PRO A 147 -11.47 -3.17 -8.36
N PRO A 148 -11.43 -1.81 -8.55
CA PRO A 148 -12.32 -0.91 -7.83
C PRO A 148 -13.78 -1.38 -7.97
N GLY A 149 -14.53 -1.18 -6.90
CA GLY A 149 -15.97 -1.55 -6.82
C GLY A 149 -16.15 -3.01 -6.48
N THR A 150 -15.10 -3.67 -5.97
CA THR A 150 -15.25 -5.05 -5.48
C THR A 150 -16.21 -5.05 -4.27
N THR A 151 -17.19 -5.95 -4.29
CA THR A 151 -18.17 -6.12 -3.18
C THR A 151 -18.16 -7.55 -2.62
N ASP A 152 -17.67 -8.53 -3.37
CA ASP A 152 -17.78 -9.94 -2.99
C ASP A 152 -16.54 -10.40 -2.25
N PRO A 153 -16.62 -10.69 -0.93
CA PRO A 153 -15.45 -11.15 -0.20
C PRO A 153 -15.11 -12.61 -0.47
N PHE A 154 -15.99 -13.34 -1.17
CA PHE A 154 -15.88 -14.80 -1.36
C PHE A 154 -15.93 -15.15 -2.84
N PRO A 155 -14.98 -14.63 -3.63
CA PRO A 155 -15.00 -14.89 -5.09
C PRO A 155 -14.65 -16.36 -5.40
N ASP A 156 -14.97 -16.78 -6.61
CA ASP A 156 -14.54 -18.10 -7.12
C ASP A 156 -13.02 -18.16 -7.12
N SER A 157 -12.49 -19.35 -6.89
CA SER A 157 -11.07 -19.61 -6.64
C SER A 157 -10.65 -20.82 -7.49
N ASN A 158 -9.36 -20.99 -7.67
CA ASN A 158 -8.77 -22.16 -8.36
C ASN A 158 -9.24 -23.46 -7.71
N ALA A 159 -9.33 -23.51 -6.37
CA ALA A 159 -9.74 -24.70 -5.62
C ALA A 159 -10.83 -24.28 -4.65
N PRO A 160 -11.67 -25.22 -4.22
CA PRO A 160 -12.70 -24.91 -3.22
C PRO A 160 -12.07 -24.46 -1.90
N ILE A 161 -12.71 -23.47 -1.29
CA ILE A 161 -12.27 -22.94 0.03
C ILE A 161 -13.41 -23.22 1.00
N ILE A 162 -13.05 -23.67 2.19
CA ILE A 162 -14.05 -23.80 3.28
C ILE A 162 -14.09 -22.48 4.03
N ASP A 163 -15.19 -21.73 3.92
CA ASP A 163 -15.36 -20.40 4.56
C ASP A 163 -16.08 -20.64 5.90
N GLN A 164 -15.53 -20.14 7.00
CA GLN A 164 -16.18 -20.31 8.32
C GLN A 164 -16.02 -19.04 9.17
N GLU A 165 -17.14 -18.45 9.58
CA GLU A 165 -17.12 -17.37 10.58
C GLU A 165 -16.64 -17.95 11.91
N ALA A 166 -15.78 -17.24 12.64
CA ALA A 166 -15.28 -17.74 13.94
C ALA A 166 -14.86 -16.57 14.81
N GLU A 167 -14.89 -16.77 16.13
CA GLU A 167 -14.23 -15.79 17.03
C GLU A 167 -12.71 -15.96 16.89
N ILE A 168 -12.05 -14.85 16.54
CA ILE A 168 -10.59 -14.80 16.31
C ILE A 168 -9.97 -13.99 17.43
N PRO A 169 -9.05 -14.58 18.20
CA PRO A 169 -8.44 -13.86 19.31
C PRO A 169 -7.83 -12.51 18.93
N ASP A 170 -8.01 -11.53 19.82
CA ASP A 170 -7.35 -10.21 19.64
C ASP A 170 -6.37 -9.96 20.78
N ARG A 171 -5.85 -11.02 21.37
CA ARG A 171 -4.97 -10.97 22.54
C ARG A 171 -4.48 -12.39 22.80
N ALA A 172 -3.41 -12.51 23.56
CA ALA A 172 -2.96 -13.83 24.02
C ALA A 172 -4.09 -14.50 24.76
N TRP A 173 -4.18 -15.83 24.65
CA TRP A 173 -5.22 -16.61 25.35
C TRP A 173 -4.53 -17.71 26.17
N ASN A 174 -5.14 -18.12 27.27
CA ASN A 174 -4.52 -19.19 28.10
C ASN A 174 -5.41 -20.44 28.11
N SER A 175 -6.56 -20.37 27.45
CA SER A 175 -7.44 -21.54 27.20
C SER A 175 -8.37 -21.25 26.03
N GLY A 176 -8.98 -22.30 25.53
CA GLY A 176 -9.85 -22.19 24.38
C GLY A 176 -8.96 -22.07 23.13
N PHE A 177 -9.66 -21.83 22.04
CA PHE A 177 -9.06 -21.69 20.69
C PHE A 177 -8.13 -22.86 20.36
N GLU A 178 -8.47 -24.10 20.82
CA GLU A 178 -7.63 -25.25 20.49
C GLU A 178 -7.59 -25.48 18.97
N TRP A 179 -8.66 -25.16 18.26
CA TRP A 179 -8.73 -25.32 16.78
C TRP A 179 -7.58 -24.57 16.12
N ILE A 180 -7.11 -23.49 16.72
CA ILE A 180 -5.98 -22.70 16.14
C ILE A 180 -4.65 -23.49 16.25
N THR A 181 -4.33 -24.12 17.40
CA THR A 181 -2.99 -24.65 17.69
C THR A 181 -2.95 -26.14 17.37
N GLU A 182 -4.09 -26.80 17.31
CA GLU A 182 -4.18 -28.25 17.01
C GLU A 182 -3.90 -28.55 15.53
N TYR A 183 -4.15 -27.62 14.62
CA TYR A 183 -3.92 -27.74 13.17
C TYR A 183 -2.45 -28.08 12.88
N THR A 184 -2.18 -28.99 11.95
CA THR A 184 -0.80 -29.47 11.70
C THR A 184 -0.13 -28.73 10.53
N GLY A 185 -0.90 -27.98 9.74
CA GLY A 185 -0.39 -27.26 8.56
C GLY A 185 0.07 -25.85 8.90
N LYS A 186 0.14 -25.02 7.86
CA LYS A 186 0.69 -23.65 7.95
C LYS A 186 -0.50 -22.70 7.92
N THR A 187 -0.46 -21.69 8.78
CA THR A 187 -1.53 -20.67 8.89
C THR A 187 -0.94 -19.29 8.63
N VAL A 188 -1.65 -18.54 7.83
CA VAL A 188 -1.46 -17.07 7.67
C VAL A 188 -2.59 -16.39 8.43
N TRP A 189 -2.24 -15.56 9.38
CA TRP A 189 -3.18 -14.83 10.24
C TRP A 189 -3.03 -13.32 10.06
N PHE A 190 -4.07 -12.67 9.52
CA PHE A 190 -4.10 -11.20 9.31
C PHE A 190 -4.63 -10.49 10.56
N VAL A 191 -3.82 -9.60 11.09
CA VAL A 191 -4.11 -8.81 12.32
C VAL A 191 -4.18 -7.34 11.93
N PRO A 192 -4.93 -6.54 12.70
CA PRO A 192 -5.06 -5.11 12.40
C PRO A 192 -3.90 -4.26 12.86
N SER A 193 -3.03 -4.79 13.74
CA SER A 193 -1.84 -4.04 14.22
C SER A 193 -0.66 -4.95 14.48
N VAL A 194 0.52 -4.38 14.35
CA VAL A 194 1.75 -5.11 14.69
C VAL A 194 1.74 -5.43 16.18
N ARG A 195 1.33 -4.49 17.01
CA ARG A 195 1.36 -4.69 18.49
C ARG A 195 0.46 -5.85 18.90
N MET A 196 -0.78 -5.91 18.43
CA MET A 196 -1.64 -7.06 18.72
C MET A 196 -1.01 -8.35 18.15
N GLY A 197 -0.47 -8.29 16.93
CA GLY A 197 0.27 -9.41 16.32
C GLY A 197 1.40 -9.93 17.23
N ASN A 198 2.11 -9.03 17.92
CA ASN A 198 3.24 -9.41 18.78
C ASN A 198 2.69 -10.29 19.92
N GLU A 199 1.57 -9.88 20.54
N GLU A 199 1.55 -9.97 20.51
CA GLU A 199 0.91 -10.61 21.66
CA GLU A 199 1.08 -10.74 21.70
C GLU A 199 0.54 -12.02 21.19
C GLU A 199 0.48 -12.07 21.24
N ILE A 200 -0.18 -12.10 20.08
CA ILE A 200 -0.63 -13.40 19.50
C ILE A 200 0.59 -14.27 19.19
N ALA A 201 1.59 -13.68 18.57
CA ALA A 201 2.82 -14.40 18.17
C ALA A 201 3.46 -15.04 19.40
N MET A 202 3.60 -14.27 20.48
N MET A 202 3.62 -14.28 20.48
CA MET A 202 4.30 -14.83 21.67
CA MET A 202 4.28 -14.83 21.71
C MET A 202 3.45 -15.95 22.30
C MET A 202 3.44 -15.96 22.31
N CYS A 203 2.12 -15.81 22.32
CA CYS A 203 1.18 -16.86 22.77
C CYS A 203 1.41 -18.12 21.96
N LEU A 204 1.51 -17.99 20.65
CA LEU A 204 1.72 -19.18 19.76
C LEU A 204 3.13 -19.76 19.99
N THR A 205 4.14 -18.93 20.14
CA THR A 205 5.55 -19.36 20.39
C THR A 205 5.57 -20.15 21.70
N LYS A 206 4.92 -19.62 22.74
N LYS A 206 4.93 -19.64 22.74
CA LYS A 206 4.86 -20.30 24.06
CA LYS A 206 4.87 -20.34 24.04
C LYS A 206 4.14 -21.65 23.93
C LYS A 206 4.16 -21.69 23.91
N ALA A 207 3.22 -21.81 22.96
CA ALA A 207 2.50 -23.07 22.68
C ALA A 207 3.33 -23.99 21.75
N GLY A 208 4.55 -23.61 21.43
CA GLY A 208 5.47 -24.49 20.68
C GLY A 208 5.45 -24.25 19.18
N LYS A 209 4.83 -23.16 18.70
CA LYS A 209 4.78 -22.85 17.26
C LYS A 209 5.96 -21.98 16.86
N LYS A 210 6.36 -22.11 15.61
CA LYS A 210 7.37 -21.22 15.02
C LYS A 210 6.60 -20.16 14.24
N VAL A 211 6.85 -18.89 14.56
CA VAL A 211 6.01 -17.74 14.12
C VAL A 211 6.89 -16.73 13.40
N ILE A 212 6.47 -16.31 12.21
CA ILE A 212 7.09 -15.18 11.45
C ILE A 212 6.12 -14.00 11.50
N GLN A 213 6.63 -12.80 11.78
CA GLN A 213 5.82 -11.57 11.89
C GLN A 213 6.15 -10.68 10.69
N LEU A 214 5.22 -10.54 9.76
CA LEU A 214 5.31 -9.64 8.57
C LEU A 214 4.51 -8.39 8.74
N ASN A 215 5.17 -7.28 8.47
CA ASN A 215 4.50 -5.97 8.41
C ASN A 215 5.38 -5.09 7.52
N ARG A 216 4.92 -3.88 7.21
CA ARG A 216 5.58 -2.96 6.24
C ARG A 216 7.05 -2.79 6.62
N LYS A 217 7.33 -2.68 7.91
CA LYS A 217 8.68 -2.48 8.51
C LYS A 217 9.55 -3.73 8.33
N SER A 218 8.98 -4.93 8.45
CA SER A 218 9.76 -6.19 8.60
C SER A 218 9.85 -6.94 7.27
N TYR A 219 9.09 -6.54 6.24
CA TYR A 219 8.78 -7.40 5.07
C TYR A 219 10.05 -7.80 4.31
N ASP A 220 10.90 -6.82 4.01
CA ASP A 220 12.15 -7.05 3.22
C ASP A 220 12.99 -8.15 3.88
N SER A 221 13.14 -8.15 5.20
CA SER A 221 13.95 -9.16 5.92
C SER A 221 13.18 -10.47 6.15
N GLU A 222 11.91 -10.41 6.56
CA GLU A 222 11.22 -11.60 7.12
C GLU A 222 10.53 -12.40 6.02
N TYR A 223 10.04 -11.76 4.95
CA TYR A 223 9.23 -12.48 3.92
C TYR A 223 10.03 -13.66 3.36
N GLN A 224 11.35 -13.53 3.24
CA GLN A 224 12.24 -14.60 2.72
C GLN A 224 12.25 -15.83 3.61
N LYS A 225 12.05 -15.67 4.92
CA LYS A 225 11.87 -16.80 5.86
C LYS A 225 10.63 -17.64 5.52
N CYS A 226 9.60 -17.08 4.91
CA CYS A 226 8.36 -17.84 4.53
C CYS A 226 8.63 -18.85 3.42
N LYS A 227 9.64 -18.63 2.57
CA LYS A 227 9.91 -19.49 1.38
C LYS A 227 10.35 -20.88 1.87
N GLY A 228 11.11 -20.94 2.97
CA GLY A 228 11.43 -22.20 3.70
C GLY A 228 10.20 -22.73 4.42
N ASN A 229 10.19 -23.99 4.83
CA ASN A 229 8.98 -24.65 5.42
C ASN A 229 9.17 -24.80 6.93
N ASP A 230 10.10 -24.04 7.50
CA ASP A 230 10.39 -24.06 8.95
C ASP A 230 9.61 -22.92 9.62
N TRP A 231 8.28 -22.99 9.54
CA TRP A 231 7.37 -22.08 10.26
C TRP A 231 5.98 -22.71 10.36
N ASP A 232 5.21 -22.29 11.35
CA ASP A 232 3.84 -22.76 11.57
C ASP A 232 2.89 -21.61 11.30
N PHE A 233 3.21 -20.42 11.80
CA PHE A 233 2.31 -19.25 11.55
C PHE A 233 3.09 -18.12 10.89
N VAL A 234 2.40 -17.39 10.01
CA VAL A 234 2.75 -16.00 9.69
C VAL A 234 1.68 -15.10 10.29
N ILE A 235 2.11 -14.15 11.14
CA ILE A 235 1.21 -13.11 11.70
C ILE A 235 1.50 -11.84 10.87
N THR A 236 0.53 -11.39 10.10
CA THR A 236 0.79 -10.33 9.10
C THR A 236 -0.29 -9.25 9.19
N THR A 237 0.08 -8.06 8.79
CA THR A 237 -0.85 -6.95 8.49
C THR A 237 -1.31 -7.03 7.04
N ASP A 238 -2.06 -6.03 6.64
CA ASP A 238 -2.63 -5.91 5.28
C ASP A 238 -1.57 -5.91 4.20
N ILE A 239 -0.29 -5.65 4.47
CA ILE A 239 0.75 -5.57 3.42
C ILE A 239 0.80 -6.91 2.64
N SER A 240 0.42 -8.03 3.25
CA SER A 240 0.43 -9.36 2.58
C SER A 240 -0.76 -9.51 1.61
N GLU A 241 -1.64 -8.51 1.51
CA GLU A 241 -2.64 -8.48 0.41
C GLU A 241 -2.02 -8.13 -0.96
N MET A 242 -0.74 -7.76 -1.00
CA MET A 242 -0.11 -7.19 -2.22
C MET A 242 0.93 -8.17 -2.79
N GLY A 243 0.55 -9.42 -2.99
CA GLY A 243 1.35 -10.40 -3.77
C GLY A 243 2.16 -11.40 -2.94
N ALA A 244 1.93 -11.49 -1.64
CA ALA A 244 2.54 -12.54 -0.78
C ALA A 244 2.04 -13.94 -1.17
N ASN A 245 3.01 -14.87 -1.32
CA ASN A 245 2.76 -16.24 -1.83
C ASN A 245 3.25 -17.19 -0.74
N PHE A 246 2.35 -17.77 0.02
CA PHE A 246 2.71 -18.52 1.24
C PHE A 246 2.53 -19.99 0.92
N GLY A 247 3.35 -20.85 1.43
CA GLY A 247 3.01 -22.25 1.08
C GLY A 247 2.00 -22.82 2.04
N ALA A 248 0.84 -22.18 2.26
CA ALA A 248 -0.07 -22.45 3.40
C ALA A 248 -1.44 -22.90 2.92
N HIS A 249 -2.22 -23.57 3.76
CA HIS A 249 -3.56 -24.09 3.40
C HIS A 249 -4.64 -23.51 4.32
N ARG A 250 -4.29 -22.58 5.20
N ARG A 250 -4.30 -22.58 5.21
CA ARG A 250 -5.25 -22.00 6.17
CA ARG A 250 -5.28 -21.99 6.14
C ARG A 250 -4.99 -20.50 6.31
C ARG A 250 -4.99 -20.50 6.31
N VAL A 251 -6.05 -19.71 6.23
CA VAL A 251 -6.00 -18.29 6.59
C VAL A 251 -6.92 -18.03 7.77
N ILE A 252 -6.40 -17.29 8.75
CA ILE A 252 -7.24 -16.72 9.84
C ILE A 252 -7.28 -15.23 9.57
N ASP A 253 -8.47 -14.68 9.49
CA ASP A 253 -8.63 -13.25 9.14
C ASP A 253 -9.42 -12.57 10.26
N SER A 254 -8.75 -11.68 10.98
CA SER A 254 -9.41 -10.82 12.00
C SER A 254 -10.54 -10.04 11.35
N ARG A 255 -10.42 -9.74 10.04
CA ARG A 255 -11.35 -8.88 9.28
C ARG A 255 -11.27 -7.46 9.83
N LYS A 256 -10.15 -7.08 10.42
CA LYS A 256 -10.02 -5.70 10.96
C LYS A 256 -8.74 -5.04 10.47
N CYS A 257 -8.75 -3.71 10.53
CA CYS A 257 -7.65 -2.83 10.14
C CYS A 257 -7.70 -1.58 10.99
N VAL A 258 -6.56 -0.91 11.04
CA VAL A 258 -6.43 0.45 11.61
C VAL A 258 -5.95 1.34 10.46
N LYS A 259 -6.64 2.44 10.24
CA LYS A 259 -6.42 3.29 9.06
C LYS A 259 -6.40 4.76 9.47
N PRO A 260 -5.58 5.60 8.81
CA PRO A 260 -5.67 7.04 9.01
C PRO A 260 -6.89 7.58 8.26
N VAL A 261 -7.58 8.54 8.87
N VAL A 261 -7.58 8.54 8.87
CA VAL A 261 -8.82 9.12 8.29
CA VAL A 261 -8.85 9.12 8.35
C VAL A 261 -8.80 10.64 8.39
C VAL A 261 -8.83 10.64 8.42
N ILE A 262 -9.46 11.28 7.42
CA ILE A 262 -9.75 12.72 7.46
C ILE A 262 -11.27 12.85 7.35
N LEU A 263 -11.93 13.30 8.39
CA LEU A 263 -13.41 13.56 8.33
C LEU A 263 -13.67 14.72 7.35
N ASP A 264 -14.74 14.61 6.54
N ASP A 264 -14.74 14.62 6.54
CA ASP A 264 -15.13 15.60 5.50
CA ASP A 264 -14.97 15.38 5.27
C ASP A 264 -15.06 17.00 6.13
C ASP A 264 -14.66 16.88 5.45
N GLY A 265 -14.19 17.86 5.58
N GLY A 265 -15.12 17.46 6.56
CA GLY A 265 -14.01 19.26 6.00
CA GLY A 265 -14.88 18.90 6.82
C GLY A 265 -13.24 19.41 7.31
C GLY A 265 -13.82 19.09 7.87
N ASP A 266 -12.73 18.30 7.87
CA ASP A 266 -11.85 18.33 9.07
C ASP A 266 -10.43 18.80 8.70
N ASP A 267 -9.70 19.13 9.74
CA ASP A 267 -8.45 19.90 9.67
C ASP A 267 -7.28 19.04 10.15
N ARG A 268 -7.49 17.73 10.35
CA ARG A 268 -6.50 16.88 11.03
C ARG A 268 -6.67 15.43 10.59
N VAL A 269 -5.60 14.66 10.76
CA VAL A 269 -5.64 13.20 10.47
C VAL A 269 -5.72 12.48 11.81
N LEU A 270 -6.68 11.58 11.95
CA LEU A 270 -6.84 10.74 13.14
C LEU A 270 -6.82 9.28 12.71
N MET A 271 -6.52 8.38 13.63
CA MET A 271 -6.57 6.95 13.31
C MET A 271 -7.96 6.41 13.67
N ASN A 272 -8.48 5.49 12.87
N ASN A 272 -8.40 5.41 12.91
CA ASN A 272 -9.73 4.75 13.18
CA ASN A 272 -9.71 4.72 13.09
C ASN A 272 -9.38 3.26 13.29
C ASN A 272 -9.46 3.22 13.20
N GLY A 273 -10.05 2.58 14.21
CA GLY A 273 -10.03 1.12 14.31
C GLY A 273 -9.58 0.63 15.68
N PRO A 274 -9.38 -0.69 15.81
CA PRO A 274 -9.65 -1.67 14.76
C PRO A 274 -11.09 -1.70 14.25
N ALA A 275 -11.27 -1.76 12.94
CA ALA A 275 -12.59 -1.67 12.31
C ALA A 275 -12.61 -2.54 11.07
N PRO A 276 -13.81 -2.80 10.53
CA PRO A 276 -13.94 -3.71 9.39
C PRO A 276 -13.15 -3.29 8.16
N ILE A 277 -12.63 -4.30 7.49
CA ILE A 277 -11.88 -4.14 6.22
C ILE A 277 -12.86 -4.10 5.06
N THR A 278 -12.38 -3.70 3.88
CA THR A 278 -13.19 -3.66 2.65
C THR A 278 -13.33 -5.07 2.09
N PRO A 279 -14.34 -5.30 1.25
CA PRO A 279 -14.44 -6.58 0.55
C PRO A 279 -13.20 -6.90 -0.27
N ALA A 280 -12.59 -5.91 -0.93
CA ALA A 280 -11.34 -6.14 -1.70
C ALA A 280 -10.26 -6.72 -0.78
N SER A 281 -10.08 -6.14 0.39
N SER A 281 -10.09 -6.11 0.37
CA SER A 281 -9.05 -6.59 1.35
CA SER A 281 -9.13 -6.52 1.42
C SER A 281 -9.40 -8.00 1.86
C SER A 281 -9.43 -7.97 1.84
N ALA A 282 -10.68 -8.27 2.15
CA ALA A 282 -11.12 -9.58 2.64
C ALA A 282 -10.87 -10.64 1.57
N ALA A 283 -11.22 -10.32 0.33
CA ALA A 283 -10.99 -11.25 -0.79
C ALA A 283 -9.49 -11.49 -0.97
N GLN A 284 -8.63 -10.47 -0.88
CA GLN A 284 -7.18 -10.64 -1.05
C GLN A 284 -6.60 -11.53 0.06
N ARG A 285 -7.06 -11.33 1.29
CA ARG A 285 -6.59 -12.14 2.43
C ARG A 285 -7.00 -13.60 2.20
N ARG A 286 -8.26 -13.82 1.88
CA ARG A 286 -8.77 -15.18 1.55
C ARG A 286 -7.99 -15.74 0.37
N GLY A 287 -7.60 -14.89 -0.56
CA GLY A 287 -6.96 -15.32 -1.81
C GLY A 287 -5.51 -15.74 -1.63
N ARG A 288 -4.97 -15.74 -0.42
CA ARG A 288 -3.66 -16.35 -0.10
C ARG A 288 -3.80 -17.88 -0.27
N ILE A 289 -5.02 -18.44 -0.16
CA ILE A 289 -5.26 -19.91 -0.27
C ILE A 289 -6.27 -20.19 -1.38
N GLY A 290 -6.66 -21.45 -1.55
CA GLY A 290 -7.54 -21.91 -2.66
C GLY A 290 -6.86 -21.84 -4.02
N ARG A 291 -5.54 -21.91 -4.07
CA ARG A 291 -4.75 -21.59 -5.29
C ARG A 291 -4.48 -22.82 -6.14
N ASP A 292 -4.50 -23.99 -5.57
CA ASP A 292 -4.04 -25.22 -6.31
C ASP A 292 -5.25 -26.07 -6.65
N PRO A 293 -5.65 -26.21 -7.93
CA PRO A 293 -6.86 -26.94 -8.27
C PRO A 293 -6.82 -28.41 -7.82
N THR A 294 -5.63 -28.94 -7.57
CA THR A 294 -5.45 -30.36 -7.22
C THR A 294 -5.57 -30.53 -5.71
N GLN A 295 -5.66 -29.43 -4.96
CA GLN A 295 -5.70 -29.52 -3.48
C GLN A 295 -6.99 -28.90 -2.92
N SER A 296 -7.94 -29.75 -2.53
N SER A 296 -7.92 -29.75 -2.50
CA SER A 296 -9.17 -29.38 -1.80
CA SER A 296 -9.16 -29.38 -1.79
C SER A 296 -8.83 -29.15 -0.32
C SER A 296 -8.83 -29.17 -0.31
N GLY A 297 -9.75 -28.53 0.41
CA GLY A 297 -9.72 -28.48 1.88
C GLY A 297 -9.06 -27.24 2.46
N ASP A 298 -8.65 -26.28 1.62
CA ASP A 298 -8.10 -25.02 2.16
C ASP A 298 -9.18 -24.36 3.01
N GLU A 299 -8.78 -23.65 4.09
CA GLU A 299 -9.73 -23.12 5.11
C GLU A 299 -9.51 -21.63 5.23
N TYR A 300 -10.60 -20.88 5.23
CA TYR A 300 -10.62 -19.43 5.56
C TYR A 300 -11.57 -19.24 6.76
N PHE A 301 -11.00 -18.77 7.87
CA PHE A 301 -11.75 -18.42 9.09
C PHE A 301 -11.74 -16.90 9.21
N TYR A 302 -12.89 -16.32 9.41
CA TYR A 302 -13.01 -14.86 9.42
C TYR A 302 -13.80 -14.37 10.63
N GLY A 303 -13.36 -13.25 11.18
CA GLY A 303 -13.82 -12.83 12.53
C GLY A 303 -14.76 -11.65 12.55
N GLY A 304 -15.32 -11.23 11.44
CA GLY A 304 -16.21 -10.07 11.44
C GLY A 304 -16.63 -9.74 10.03
N PRO A 305 -17.48 -8.72 9.92
CA PRO A 305 -17.99 -8.26 8.62
C PRO A 305 -16.99 -7.42 7.84
N THR A 306 -17.39 -7.10 6.60
CA THR A 306 -16.69 -6.09 5.76
C THR A 306 -17.53 -4.81 5.70
N THR A 307 -16.92 -3.72 5.26
CA THR A 307 -17.64 -2.48 4.93
C THR A 307 -17.13 -1.93 3.60
N THR A 308 -18.04 -1.44 2.74
CA THR A 308 -17.59 -0.72 1.50
C THR A 308 -17.36 0.78 1.75
N ASP A 309 -17.68 1.31 2.92
CA ASP A 309 -17.50 2.76 3.24
C ASP A 309 -16.03 3.05 3.55
N ASP A 310 -15.19 3.38 2.55
CA ASP A 310 -13.74 3.66 2.78
C ASP A 310 -13.38 5.11 2.43
N THR A 311 -14.38 5.98 2.34
CA THR A 311 -14.19 7.35 1.79
C THR A 311 -13.43 8.20 2.80
N GLY A 312 -13.46 7.88 4.10
CA GLY A 312 -12.66 8.68 5.04
C GLY A 312 -11.17 8.40 5.03
N HIS A 313 -10.72 7.30 4.42
N HIS A 313 -10.72 7.27 4.47
CA HIS A 313 -9.29 6.91 4.46
CA HIS A 313 -9.30 6.83 4.52
C HIS A 313 -8.50 8.07 3.86
C HIS A 313 -8.44 7.89 3.85
N ALA A 314 -7.46 8.43 4.58
CA ALA A 314 -6.66 9.61 4.20
C ALA A 314 -5.95 9.35 2.88
N HIS A 315 -5.76 8.11 2.46
N HIS A 315 -5.76 8.08 2.45
CA HIS A 315 -4.95 7.82 1.25
CA HIS A 315 -5.00 7.75 1.20
C HIS A 315 -5.62 8.39 -0.02
C HIS A 315 -5.63 8.42 -0.02
N TRP A 316 -6.93 8.63 -0.03
CA TRP A 316 -7.62 9.22 -1.20
C TRP A 316 -7.22 10.69 -1.37
N ILE A 317 -7.33 11.50 -0.33
CA ILE A 317 -6.91 12.91 -0.39
C ILE A 317 -5.40 12.95 -0.68
N GLU A 318 -4.63 12.09 -0.05
CA GLU A 318 -3.14 12.10 -0.25
C GLU A 318 -2.81 11.76 -1.70
N ALA A 319 -3.50 10.81 -2.32
CA ALA A 319 -3.23 10.48 -3.74
C ALA A 319 -3.53 11.72 -4.59
N LYS A 320 -4.59 12.44 -4.28
CA LYS A 320 -4.97 13.64 -5.07
C LYS A 320 -3.94 14.74 -4.88
N ILE A 321 -3.42 14.87 -3.66
CA ILE A 321 -2.33 15.83 -3.36
C ILE A 321 -1.13 15.48 -4.25
N LEU A 322 -0.75 14.20 -4.32
CA LEU A 322 0.43 13.82 -5.13
C LEU A 322 0.12 14.11 -6.61
N LEU A 323 -1.06 13.71 -7.09
CA LEU A 323 -1.32 13.80 -8.54
C LEU A 323 -1.44 15.25 -9.01
N ASP A 324 -2.00 16.13 -8.16
CA ASP A 324 -2.07 17.58 -8.43
C ASP A 324 -0.64 18.17 -8.52
N ASN A 325 0.37 17.50 -7.99
CA ASN A 325 1.77 17.97 -7.96
C ASN A 325 2.64 17.25 -8.99
N ILE A 326 2.08 16.41 -9.85
CA ILE A 326 2.86 15.78 -10.93
C ILE A 326 2.69 16.64 -12.18
N GLN A 327 3.76 17.26 -12.62
CA GLN A 327 3.72 18.17 -13.79
C GLN A 327 3.80 17.36 -15.08
N LEU A 328 2.76 17.37 -15.90
CA LEU A 328 2.85 16.74 -17.23
C LEU A 328 3.51 17.70 -18.22
N GLN A 329 4.24 17.14 -19.17
N GLN A 329 4.23 17.12 -19.17
CA GLN A 329 5.01 17.93 -20.17
CA GLN A 329 5.00 17.87 -20.19
C GLN A 329 4.09 18.66 -21.16
C GLN A 329 4.09 18.68 -21.11
N ASN A 330 2.82 18.30 -21.26
CA ASN A 330 1.85 19.00 -22.14
C ASN A 330 0.94 20.00 -21.40
N GLY A 331 1.20 20.22 -20.12
CA GLY A 331 0.44 21.22 -19.32
C GLY A 331 -0.97 20.75 -18.97
N LEU A 332 -1.25 19.45 -19.02
CA LEU A 332 -2.54 18.88 -18.62
C LEU A 332 -2.47 18.50 -17.15
N VAL A 333 -3.55 18.75 -16.40
CA VAL A 333 -3.67 18.28 -14.99
C VAL A 333 -4.19 16.85 -15.06
N ALA A 334 -3.47 15.95 -14.44
CA ALA A 334 -3.88 14.53 -14.41
C ALA A 334 -5.13 14.36 -13.54
N GLN A 335 -5.89 13.32 -13.86
CA GLN A 335 -7.03 12.89 -13.03
C GLN A 335 -6.77 11.49 -12.49
N LEU A 336 -7.45 11.18 -11.40
CA LEU A 336 -7.41 9.79 -10.86
C LEU A 336 -7.97 8.81 -11.88
N TYR A 337 -7.59 7.54 -11.77
CA TYR A 337 -8.20 6.45 -12.55
C TYR A 337 -9.72 6.53 -12.38
N GLY A 338 -10.48 6.42 -13.47
CA GLY A 338 -11.92 6.67 -13.51
C GLY A 338 -12.66 6.20 -12.26
N PRO A 339 -12.58 4.90 -11.97
CA PRO A 339 -13.32 4.27 -10.87
C PRO A 339 -12.90 4.74 -9.48
N GLU A 340 -11.83 5.53 -9.34
CA GLU A 340 -11.37 6.08 -8.05
C GLU A 340 -11.65 7.59 -7.99
N ARG A 341 -12.16 8.21 -9.06
CA ARG A 341 -12.34 9.68 -9.05
C ARG A 341 -13.36 10.12 -8.00
N ASP A 342 -14.38 9.32 -7.72
CA ASP A 342 -15.44 9.75 -6.78
C ASP A 342 -15.00 9.56 -5.31
N LYS A 343 -13.76 9.14 -5.07
CA LYS A 343 -13.21 9.06 -3.68
C LYS A 343 -12.79 10.45 -3.16
N VAL A 344 -12.65 11.46 -4.03
CA VAL A 344 -12.24 12.83 -3.62
C VAL A 344 -13.21 13.83 -4.20
N PHE A 345 -13.29 15.00 -3.56
CA PHE A 345 -14.33 16.03 -3.83
C PHE A 345 -13.69 17.37 -4.18
N THR A 346 -12.38 17.45 -4.33
CA THR A 346 -11.69 18.70 -4.69
C THR A 346 -11.62 18.81 -6.23
N THR A 347 -11.44 20.01 -6.77
N THR A 347 -11.41 20.04 -6.71
CA THR A 347 -11.36 20.21 -8.24
CA THR A 347 -11.23 20.37 -8.15
C THR A 347 -9.91 19.97 -8.67
C THR A 347 -9.85 19.87 -8.61
N ASP A 348 -9.72 19.39 -9.86
CA ASP A 348 -8.36 19.12 -10.40
C ASP A 348 -7.41 20.30 -10.21
N GLY A 349 -6.24 20.04 -9.61
CA GLY A 349 -5.18 21.06 -9.47
C GLY A 349 -5.26 21.87 -8.19
N GLU A 350 -6.30 21.72 -7.40
CA GLU A 350 -6.55 22.44 -6.10
C GLU A 350 -5.30 22.36 -5.23
N TYR A 351 -4.57 21.24 -5.24
CA TYR A 351 -3.39 21.09 -4.35
C TYR A 351 -2.05 21.42 -4.97
N ARG A 352 -2.02 21.89 -6.23
N ARG A 352 -2.04 21.96 -6.19
CA ARG A 352 -0.72 22.13 -6.92
CA ARG A 352 -0.77 22.21 -6.91
C ARG A 352 0.04 23.22 -6.16
C ARG A 352 0.06 23.29 -6.19
N LEU A 353 1.29 22.95 -5.82
CA LEU A 353 2.20 23.89 -5.10
C LEU A 353 2.99 24.69 -6.13
N ARG A 354 3.29 25.94 -5.78
CA ARG A 354 4.24 26.75 -6.55
C ARG A 354 5.66 26.24 -6.34
N SER A 355 6.64 26.76 -7.07
CA SER A 355 7.90 26.06 -7.28
C SER A 355 8.67 25.82 -5.97
N GLU A 356 8.85 26.86 -5.15
CA GLU A 356 9.66 26.71 -3.91
C GLU A 356 8.91 25.78 -2.92
N GLN A 357 7.61 25.97 -2.77
N GLN A 357 7.61 25.93 -2.81
CA GLN A 357 6.73 25.11 -1.91
CA GLN A 357 6.78 25.10 -1.88
C GLN A 357 6.89 23.64 -2.33
C GLN A 357 6.83 23.63 -2.33
N LYS A 358 6.85 23.39 -3.64
CA LYS A 358 6.96 22.03 -4.20
C LYS A 358 8.31 21.39 -3.84
N LYS A 359 9.42 22.14 -3.92
CA LYS A 359 10.74 21.63 -3.51
C LYS A 359 10.70 21.21 -2.05
N ASN A 360 10.09 22.02 -1.22
CA ASN A 360 10.07 21.71 0.23
C ASN A 360 9.16 20.50 0.43
N PHE A 361 7.99 20.49 -0.18
CA PHE A 361 7.10 19.29 -0.15
C PHE A 361 7.88 18.02 -0.42
N VAL A 362 8.60 17.93 -1.53
CA VAL A 362 9.32 16.72 -1.95
C VAL A 362 10.34 16.35 -0.86
N GLU A 363 11.03 17.33 -0.26
CA GLU A 363 12.00 17.02 0.83
C GLU A 363 11.28 16.50 2.09
N PHE A 364 10.12 17.05 2.42
CA PHE A 364 9.32 16.55 3.60
C PHE A 364 8.99 15.07 3.37
N LEU A 365 8.66 14.70 2.13
CA LEU A 365 8.30 13.30 1.81
C LEU A 365 9.55 12.43 1.92
N ARG A 366 10.66 12.88 1.32
CA ARG A 366 11.79 12.01 0.98
C ARG A 366 12.78 11.94 2.15
N THR A 367 13.25 13.05 2.64
CA THR A 367 14.18 13.08 3.80
C THR A 367 13.40 13.22 5.12
N GLY A 368 12.35 14.00 5.13
CA GLY A 368 11.57 14.19 6.37
C GLY A 368 10.82 12.93 6.77
N ASP A 369 10.50 12.08 5.79
CA ASP A 369 9.70 10.84 5.97
C ASP A 369 8.36 11.22 6.62
N LEU A 370 7.82 12.40 6.32
CA LEU A 370 6.51 12.83 6.87
C LEU A 370 5.39 12.33 5.94
N PRO A 371 4.17 12.11 6.47
CA PRO A 371 3.06 11.75 5.60
C PRO A 371 2.77 12.82 4.54
N VAL A 372 2.09 12.37 3.48
CA VAL A 372 1.74 13.28 2.35
C VAL A 372 0.89 14.44 2.86
N TRP A 373 -0.13 14.19 3.65
CA TRP A 373 -1.01 15.27 4.11
C TRP A 373 -0.19 16.33 4.87
N LEU A 374 0.58 15.91 5.85
CA LEU A 374 1.34 16.83 6.70
C LEU A 374 2.36 17.56 5.83
N SER A 375 3.06 16.86 4.97
CA SER A 375 4.11 17.45 4.11
C SER A 375 3.45 18.57 3.29
N TYR A 376 2.28 18.30 2.75
CA TYR A 376 1.50 19.29 1.98
C TYR A 376 1.17 20.53 2.81
N LYS A 377 0.56 20.33 3.99
CA LYS A 377 0.11 21.45 4.86
C LYS A 377 1.32 22.34 5.18
N VAL A 378 2.44 21.74 5.52
CA VAL A 378 3.64 22.49 5.95
C VAL A 378 4.25 23.20 4.74
N ALA A 379 4.37 22.50 3.60
CA ALA A 379 4.92 23.12 2.38
C ALA A 379 4.02 24.26 1.91
N GLU A 380 2.69 24.07 1.90
CA GLU A 380 1.71 25.04 1.37
C GLU A 380 1.79 26.32 2.23
N ALA A 381 2.06 26.16 3.53
CA ALA A 381 2.19 27.29 4.49
C ALA A 381 3.48 28.08 4.28
N GLY A 382 4.43 27.63 3.46
CA GLY A 382 5.67 28.35 3.06
C GLY A 382 6.87 28.05 3.93
N TYR A 383 6.83 27.01 4.76
CA TYR A 383 8.03 26.60 5.53
C TYR A 383 9.07 25.94 4.64
N ALA A 384 10.30 26.41 4.77
CA ALA A 384 11.51 25.75 4.27
C ALA A 384 11.65 24.41 4.97
N TYR A 385 12.23 23.44 4.29
CA TYR A 385 12.45 22.08 4.81
C TYR A 385 13.15 22.15 6.17
N THR A 386 14.20 22.97 6.33
CA THR A 386 15.00 23.02 7.58
C THR A 386 14.33 23.91 8.64
N ASP A 387 13.23 24.58 8.35
CA ASP A 387 12.59 25.53 9.28
C ASP A 387 11.55 24.79 10.11
N ARG A 388 11.88 24.46 11.36
CA ARG A 388 10.99 23.60 12.19
C ARG A 388 10.07 24.41 13.08
N ARG A 389 9.93 25.72 12.89
CA ARG A 389 9.13 26.55 13.82
C ARG A 389 7.66 26.07 13.82
N TRP A 390 7.20 25.47 12.72
CA TRP A 390 5.79 25.03 12.64
C TRP A 390 5.50 23.94 13.66
N CYS A 391 6.52 23.25 14.15
CA CYS A 391 6.34 22.12 15.07
C CYS A 391 5.90 22.64 16.44
N PHE A 392 6.03 23.94 16.70
CA PHE A 392 5.83 24.55 18.04
C PHE A 392 4.77 25.63 18.07
N ASP A 393 4.35 26.17 16.91
CA ASP A 393 3.53 27.39 16.80
C ASP A 393 2.04 27.04 16.67
N GLY A 394 1.63 25.80 16.92
CA GLY A 394 0.22 25.43 16.76
C GLY A 394 -0.68 25.73 17.96
N PRO A 395 -1.97 25.42 17.81
CA PRO A 395 -2.95 25.55 18.88
C PRO A 395 -2.79 24.53 19.99
N ALA A 396 -3.32 24.85 21.18
CA ALA A 396 -3.20 24.04 22.39
C ALA A 396 -3.68 22.60 22.15
N ASN A 397 -4.76 22.37 21.38
CA ASN A 397 -5.29 20.98 21.22
C ASN A 397 -4.36 20.17 20.33
N ASN A 398 -3.35 20.79 19.72
CA ASN A 398 -2.36 20.06 18.90
C ASN A 398 -1.12 19.69 19.74
N THR A 399 -1.12 20.03 21.02
CA THR A 399 -0.03 19.61 21.93
C THR A 399 0.14 18.10 21.83
N ILE A 400 1.36 17.62 21.72
CA ILE A 400 1.59 16.17 21.71
C ILE A 400 2.03 15.71 23.12
N LEU A 401 1.40 14.65 23.62
CA LEU A 401 1.70 14.10 24.98
C LEU A 401 2.38 12.73 24.86
N GLU A 402 3.30 12.40 25.78
CA GLU A 402 4.01 11.11 25.75
C GLU A 402 4.05 10.60 27.20
N ASP A 403 3.79 9.31 27.36
CA ASP A 403 3.61 8.67 28.69
C ASP A 403 2.94 9.73 29.56
N ASN A 404 1.94 10.40 29.00
CA ASN A 404 1.04 11.32 29.74
C ASN A 404 1.70 12.65 30.19
N ASN A 405 2.74 13.14 29.53
CA ASN A 405 3.33 14.48 29.80
C ASN A 405 3.61 15.19 28.46
N GLU A 406 3.51 16.51 28.48
CA GLU A 406 3.78 17.36 27.28
C GLU A 406 5.21 17.12 26.83
N VAL A 407 5.41 16.85 25.53
CA VAL A 407 6.73 16.55 24.94
C VAL A 407 7.48 17.88 24.84
N GLU A 408 8.69 17.92 25.43
CA GLU A 408 9.60 19.09 25.39
C GLU A 408 10.68 18.81 24.35
N ILE A 409 10.93 19.76 23.44
CA ILE A 409 12.01 19.62 22.44
C ILE A 409 13.06 20.69 22.71
N TRP A 410 14.30 20.26 22.82
CA TRP A 410 15.42 21.22 22.84
C TRP A 410 15.71 21.60 21.40
N THR A 411 15.17 22.74 20.98
CA THR A 411 15.29 23.17 19.58
C THR A 411 16.74 23.46 19.17
N ARG A 412 16.96 23.40 17.88
CA ARG A 412 18.32 23.70 17.33
C ARG A 412 18.79 25.11 17.72
N GLN A 413 17.85 26.05 17.81
CA GLN A 413 18.12 27.48 18.11
C GLN A 413 18.59 27.58 19.56
N GLY A 414 18.20 26.65 20.43
CA GLY A 414 18.66 26.71 21.82
C GLY A 414 17.49 26.65 22.80
N GLU A 415 16.30 27.12 22.46
CA GLU A 415 15.24 27.18 23.47
C GLU A 415 14.56 25.82 23.55
N LYS A 416 14.00 25.47 24.71
CA LYS A 416 13.17 24.27 24.89
C LYS A 416 11.71 24.66 24.70
N ARG A 417 11.04 23.97 23.76
CA ARG A 417 9.66 24.28 23.36
C ARG A 417 8.79 23.04 23.45
N ILE A 418 7.55 23.24 23.88
N ILE A 418 7.55 23.23 23.89
CA ILE A 418 6.47 22.21 23.86
CA ILE A 418 6.53 22.13 23.90
C ILE A 418 6.17 21.83 22.41
C ILE A 418 6.12 21.82 22.46
N LEU A 419 6.12 20.53 22.13
CA LEU A 419 5.81 20.01 20.78
C LEU A 419 4.31 20.22 20.59
N ARG A 420 3.96 21.05 19.60
CA ARG A 420 2.60 21.58 19.41
C ARG A 420 2.54 22.07 17.97
N PRO A 421 2.49 21.12 17.01
CA PRO A 421 2.51 21.48 15.60
C PRO A 421 1.24 22.20 15.15
N ARG A 422 1.43 23.06 14.13
CA ARG A 422 0.34 23.82 13.46
C ARG A 422 -0.69 22.89 12.82
N TRP A 423 -0.25 21.71 12.39
CA TRP A 423 -1.12 20.68 11.75
C TRP A 423 -0.86 19.38 12.47
N SER A 424 -1.93 18.67 12.78
CA SER A 424 -1.90 17.43 13.59
C SER A 424 -2.21 16.23 12.72
N ASP A 425 -1.23 15.37 12.55
CA ASP A 425 -1.36 14.10 11.79
C ASP A 425 -1.03 12.95 12.75
N ALA A 426 -2.04 12.18 13.17
CA ALA A 426 -1.85 11.11 14.16
C ALA A 426 -0.72 10.17 13.77
N ARG A 427 -0.40 10.03 12.49
CA ARG A 427 0.68 9.11 12.05
C ARG A 427 2.05 9.53 12.57
N VAL A 428 2.25 10.73 13.02
CA VAL A 428 3.59 11.14 13.52
C VAL A 428 3.61 11.01 15.05
N TYR A 429 2.52 10.62 15.74
CA TYR A 429 2.58 10.49 17.23
C TYR A 429 1.77 9.30 17.74
N CYS A 430 1.32 8.39 16.88
CA CYS A 430 0.34 7.36 17.28
C CYS A 430 1.00 6.22 18.05
N ASP A 431 2.32 6.12 17.99
CA ASP A 431 3.03 5.10 18.82
C ASP A 431 4.42 5.62 19.14
N ASN A 432 5.11 4.85 19.96
CA ASN A 432 6.45 5.23 20.44
C ASN A 432 7.43 5.51 19.27
N GLN A 433 7.49 4.66 18.25
CA GLN A 433 8.46 4.77 17.12
C GLN A 433 8.13 6.02 16.30
N ALA A 434 6.85 6.25 15.99
CA ALA A 434 6.47 7.44 15.18
C ALA A 434 6.80 8.70 15.99
N LEU A 435 6.47 8.74 17.27
CA LEU A 435 6.69 9.97 18.03
C LEU A 435 8.20 10.23 18.12
N ARG A 436 9.00 9.18 18.28
CA ARG A 436 10.49 9.34 18.36
C ARG A 436 10.98 10.02 17.09
N SER A 437 10.58 9.53 15.93
CA SER A 437 10.99 10.07 14.61
C SER A 437 10.52 11.53 14.52
N PHE A 438 9.32 11.84 14.98
CA PHE A 438 8.79 13.21 14.87
C PHE A 438 9.54 14.14 15.83
N LYS A 439 9.88 13.65 17.03
CA LYS A 439 10.66 14.47 17.99
C LYS A 439 12.03 14.82 17.37
N GLU A 440 12.64 13.83 16.75
CA GLU A 440 13.97 13.95 16.07
C GLU A 440 13.81 15.00 14.98
N PHE A 441 12.68 14.97 14.26
CA PHE A 441 12.42 15.97 13.18
C PHE A 441 12.28 17.38 13.79
N ALA A 442 11.48 17.56 14.84
CA ALA A 442 11.19 18.86 15.46
C ALA A 442 12.50 19.47 16.02
N ALA A 443 13.43 18.60 16.41
CA ALA A 443 14.74 18.98 17.02
C ALA A 443 15.73 19.30 15.91
N GLY A 444 15.37 19.12 14.63
CA GLY A 444 16.33 19.32 13.51
C GLY A 444 17.42 18.27 13.39
N LYS A 445 17.17 16.97 13.58
CA LYS A 445 18.18 15.89 13.43
C LYS A 445 18.17 15.30 12.04
N ARG A 446 17.21 15.69 11.18
CA ARG A 446 17.28 15.22 9.77
C ARG A 446 16.51 16.20 8.87
#